data_1EKE
#
_entry.id   1EKE
#
_cell.length_a   61.484
_cell.length_b   55.424
_cell.length_c   72.145
_cell.angle_alpha   90.00
_cell.angle_beta   111.85
_cell.angle_gamma   90.00
#
_symmetry.space_group_name_H-M   'P 1 21 1'
#
loop_
_entity.id
_entity.type
_entity.pdbx_description
1 polymer 'RIBONUCLEASE HII'
2 non-polymer '2-(N-MORPHOLINO)-ETHANESULFONIC ACID'
3 water water
#
_entity_poly.entity_id   1
_entity_poly.type   'polypeptide(L)'
_entity_poly.pdbx_seq_one_letter_code
;(MSE)IIIGIDEAGRGPVLGP(MSE)VVCAFAIEKEREEELKKLGVKDSKELTKNKRAYLKKLLENLGYVEKRILEAEEI
NQL(MSE)NSINLNDIEINAFSKVAKNLIEKLNIRDDEIEIYIDACSTNTKKFEDSFKDKIEDIIKERNLNIKIIAEHKA
DAKYPVVSAASIIAKAERDEIIDYYKKIYGDIGSGYPSDPKTIKFLEDYFKKHKKLPDIARTHWKTCKRILDKSKQTKLI
IE
;
_entity_poly.pdbx_strand_id   A,B
#
# COMPACT_ATOMS: atom_id res chain seq x y z
N ILE A 2 -9.90 30.82 -3.95
CA ILE A 2 -9.52 29.54 -3.40
C ILE A 2 -10.76 28.71 -3.07
N ILE A 3 -10.74 27.44 -3.48
CA ILE A 3 -11.85 26.52 -3.23
C ILE A 3 -11.34 25.49 -2.24
N ILE A 4 -12.12 25.23 -1.19
CA ILE A 4 -11.72 24.27 -0.18
C ILE A 4 -12.82 23.26 0.08
N GLY A 5 -12.45 21.99 0.12
CA GLY A 5 -13.42 20.92 0.40
C GLY A 5 -12.99 20.28 1.70
N ILE A 6 -13.95 19.98 2.58
CA ILE A 6 -13.64 19.36 3.87
C ILE A 6 -14.54 18.14 4.10
N ASP A 7 -13.93 17.01 4.41
CA ASP A 7 -14.70 15.80 4.65
C ASP A 7 -13.97 15.02 5.73
N GLU A 8 -14.48 13.85 6.07
CA GLU A 8 -13.84 13.03 7.11
C GLU A 8 -14.09 11.56 6.80
N ALA A 9 -13.36 10.70 7.50
CA ALA A 9 -13.52 9.26 7.35
C ALA A 9 -13.51 8.69 8.76
N GLY A 10 -14.19 7.57 8.97
CA GLY A 10 -14.22 6.93 10.28
C GLY A 10 -15.09 7.57 11.36
N ARG A 11 -16.21 8.17 10.96
CA ARG A 11 -17.11 8.78 11.92
C ARG A 11 -17.93 7.73 12.68
N GLY A 12 -18.38 6.71 11.94
CA GLY A 12 -19.21 5.65 12.52
C GLY A 12 -18.68 4.44 13.27
N PRO A 13 -17.51 3.87 12.91
CA PRO A 13 -16.91 2.70 13.55
C PRO A 13 -16.72 2.73 15.08
N VAL A 14 -16.74 1.56 15.71
CA VAL A 14 -16.56 1.45 17.15
C VAL A 14 -15.06 1.42 17.47
N LEU A 15 -14.23 1.40 16.44
CA LEU A 15 -12.79 1.36 16.68
C LEU A 15 -12.01 2.17 15.64
N GLY A 16 -10.73 2.34 15.90
CA GLY A 16 -9.89 3.06 14.96
C GLY A 16 -10.01 4.57 15.05
N PRO A 17 -9.21 5.28 14.24
CA PRO A 17 -9.18 6.73 14.18
C PRO A 17 -10.23 7.42 13.33
N VAL A 19 -10.50 10.63 10.74
CA VAL A 19 -9.60 11.45 9.94
C VAL A 19 -10.40 12.56 9.32
N VAL A 20 -9.90 13.78 9.46
CA VAL A 20 -10.55 14.94 8.91
C VAL A 20 -9.57 15.51 7.92
N CYS A 21 -10.05 15.81 6.71
CA CYS A 21 -9.14 16.36 5.72
C CYS A 21 -9.74 17.55 5.00
N ALA A 22 -8.90 18.53 4.70
CA ALA A 22 -9.33 19.72 3.98
C ALA A 22 -8.41 19.80 2.76
N PHE A 23 -9.02 19.87 1.58
CA PHE A 23 -8.29 19.97 0.30
C PHE A 23 -8.54 21.36 -0.29
N ALA A 24 -7.47 22.08 -0.60
CA ALA A 24 -7.59 23.42 -1.16
C ALA A 24 -6.89 23.53 -2.50
N ILE A 25 -7.45 24.35 -3.38
CA ILE A 25 -6.85 24.57 -4.69
C ILE A 25 -7.35 25.86 -5.33
N GLU A 26 -6.51 26.50 -6.14
CA GLU A 26 -6.90 27.72 -6.84
C GLU A 26 -8.01 27.34 -7.81
N LYS A 27 -9.08 28.13 -7.86
CA LYS A 27 -10.16 27.78 -8.78
C LYS A 27 -9.67 27.73 -10.22
N GLU A 28 -8.61 28.47 -10.54
CA GLU A 28 -8.07 28.47 -11.89
C GLU A 28 -7.54 27.10 -12.27
N ARG A 29 -7.16 26.31 -11.27
CA ARG A 29 -6.62 24.99 -11.52
C ARG A 29 -7.59 23.86 -11.24
N GLU A 30 -8.85 24.18 -11.05
CA GLU A 30 -9.84 23.15 -10.76
C GLU A 30 -10.02 22.10 -11.85
N GLU A 31 -9.74 22.45 -13.09
CA GLU A 31 -9.87 21.46 -14.16
C GLU A 31 -8.81 20.38 -14.00
N GLU A 32 -7.66 20.74 -13.43
CA GLU A 32 -6.59 19.77 -13.21
C GLU A 32 -7.06 18.74 -12.21
N LEU A 33 -8.04 19.12 -11.39
CA LEU A 33 -8.62 18.23 -10.40
C LEU A 33 -9.76 17.40 -11.03
N LYS A 34 -10.61 18.05 -11.81
CA LYS A 34 -11.73 17.35 -12.45
C LYS A 34 -11.21 16.30 -13.43
N LYS A 35 -10.06 16.59 -14.04
CA LYS A 35 -9.41 15.71 -14.99
C LYS A 35 -9.15 14.33 -14.36
N LEU A 36 -9.15 14.28 -13.02
CA LEU A 36 -8.92 13.04 -12.31
C LEU A 36 -10.22 12.26 -12.11
N GLY A 37 -11.35 12.92 -12.36
CA GLY A 37 -12.64 12.29 -12.20
C GLY A 37 -12.96 11.87 -10.79
N VAL A 38 -12.41 12.60 -9.81
CA VAL A 38 -12.64 12.29 -8.41
C VAL A 38 -14.11 12.16 -8.02
N LYS A 39 -15.01 12.80 -8.76
CA LYS A 39 -16.43 12.70 -8.42
C LYS A 39 -17.11 11.66 -9.32
N GLU A 43 -17.09 3.84 -5.19
CA GLU A 43 -16.03 3.22 -4.42
C GLU A 43 -14.85 2.84 -5.33
N LEU A 44 -13.71 2.59 -4.72
CA LEU A 44 -12.51 2.21 -5.46
C LEU A 44 -11.66 1.27 -4.61
N THR A 45 -10.72 0.60 -5.25
CA THR A 45 -9.84 -0.30 -4.54
C THR A 45 -8.90 0.50 -3.64
N LYS A 46 -8.31 -0.17 -2.65
CA LYS A 46 -7.40 0.52 -1.74
C LYS A 46 -6.12 0.89 -2.48
N ASN A 47 -5.90 0.25 -3.63
CA ASN A 47 -4.73 0.52 -4.46
C ASN A 47 -4.92 1.81 -5.25
N LYS A 48 -6.05 1.91 -5.94
CA LYS A 48 -6.36 3.07 -6.77
C LYS A 48 -6.56 4.32 -5.91
N ARG A 49 -7.07 4.12 -4.70
CA ARG A 49 -7.32 5.20 -3.76
C ARG A 49 -6.00 5.73 -3.20
N ALA A 50 -5.08 4.82 -2.90
CA ALA A 50 -3.78 5.21 -2.39
C ALA A 50 -3.08 6.00 -3.51
N TYR A 51 -3.36 5.60 -4.75
CA TYR A 51 -2.77 6.28 -5.89
C TYR A 51 -3.34 7.69 -6.03
N LEU A 52 -4.66 7.80 -5.99
CA LEU A 52 -5.32 9.10 -6.10
C LEU A 52 -4.89 10.02 -4.96
N LYS A 53 -4.74 9.47 -3.76
CA LYS A 53 -4.30 10.26 -2.63
C LYS A 53 -2.92 10.88 -2.89
N LYS A 54 -2.01 10.13 -3.51
CA LYS A 54 -0.69 10.67 -3.80
C LYS A 54 -0.80 11.79 -4.84
N LEU A 55 -1.58 11.56 -5.87
CA LEU A 55 -1.74 12.56 -6.91
C LEU A 55 -2.35 13.82 -6.33
N LEU A 56 -3.38 13.64 -5.50
CA LEU A 56 -4.08 14.77 -4.88
C LEU A 56 -3.21 15.59 -3.93
N GLU A 57 -2.39 14.93 -3.12
CA GLU A 57 -1.52 15.66 -2.21
C GLU A 57 -0.44 16.44 -2.96
N ASN A 58 -0.18 16.06 -4.21
CA ASN A 58 0.79 16.76 -5.04
C ASN A 58 0.07 17.87 -5.77
N LEU A 59 -1.18 17.63 -6.14
CA LEU A 59 -1.98 18.63 -6.85
C LEU A 59 -2.37 19.84 -5.99
N GLY A 60 -3.03 19.61 -4.87
CA GLY A 60 -3.44 20.73 -4.04
C GLY A 60 -2.78 20.86 -2.68
N TYR A 61 -3.38 21.70 -1.84
CA TYR A 61 -2.88 21.90 -0.49
C TYR A 61 -3.77 21.06 0.40
N VAL A 62 -3.17 20.08 1.06
CA VAL A 62 -3.92 19.17 1.92
C VAL A 62 -3.55 19.29 3.39
N GLU A 63 -4.56 19.57 4.22
CA GLU A 63 -4.42 19.73 5.66
C GLU A 63 -5.14 18.54 6.31
N LYS A 64 -4.45 17.78 7.15
CA LYS A 64 -5.08 16.61 7.76
C LYS A 64 -5.02 16.60 9.28
N ARG A 65 -6.06 16.04 9.88
CA ARG A 65 -6.15 15.90 11.33
C ARG A 65 -6.54 14.44 11.62
N ILE A 66 -5.71 13.73 12.36
CA ILE A 66 -6.03 12.34 12.70
C ILE A 66 -6.25 12.20 14.20
N LEU A 67 -7.45 11.74 14.58
CA LEU A 67 -7.80 11.53 15.97
C LEU A 67 -7.86 10.04 16.27
N GLU A 68 -6.90 9.55 17.04
CA GLU A 68 -6.89 8.14 17.39
C GLU A 68 -7.97 7.93 18.44
N ALA A 69 -8.41 6.69 18.62
CA ALA A 69 -9.46 6.38 19.56
C ALA A 69 -9.17 6.91 20.96
N GLU A 70 -7.92 6.82 21.40
CA GLU A 70 -7.55 7.30 22.74
C GLU A 70 -7.92 8.75 22.90
N GLU A 71 -7.60 9.57 21.90
CA GLU A 71 -7.92 11.00 21.97
C GLU A 71 -9.43 11.22 21.90
N ILE A 72 -10.11 10.41 21.09
CA ILE A 72 -11.56 10.50 20.95
C ILE A 72 -12.20 10.25 22.31
N ASN A 73 -11.76 9.19 22.97
CA ASN A 73 -12.30 8.82 24.27
C ASN A 73 -12.10 9.93 25.28
N GLN A 74 -10.88 10.46 25.32
CA GLN A 74 -10.56 11.54 26.25
C GLN A 74 -11.44 12.76 26.01
N LEU A 75 -11.53 13.19 24.75
CA LEU A 75 -12.36 14.36 24.42
C LEU A 75 -13.84 14.16 24.77
N ASN A 77 -15.11 12.90 27.18
CA ASN A 77 -15.36 12.93 28.61
C ASN A 77 -15.96 14.31 28.93
N SER A 78 -15.96 15.20 27.94
CA SER A 78 -16.48 16.54 28.16
C SER A 78 -17.34 17.10 27.03
N ILE A 79 -17.02 16.73 25.79
CA ILE A 79 -17.77 17.21 24.63
C ILE A 79 -18.26 16.03 23.80
N ASN A 80 -19.24 16.26 22.93
CA ASN A 80 -19.78 15.19 22.09
C ASN A 80 -19.10 15.11 20.72
N LEU A 81 -19.47 14.10 19.94
CA LEU A 81 -18.88 13.90 18.61
C LEU A 81 -19.11 15.04 17.65
N ASN A 82 -20.30 15.63 17.70
CA ASN A 82 -20.63 16.74 16.81
C ASN A 82 -19.71 17.91 17.13
N ASP A 83 -19.40 18.09 18.42
CA ASP A 83 -18.52 19.18 18.86
C ASP A 83 -17.11 18.94 18.36
N ILE A 84 -16.66 17.68 18.44
CA ILE A 84 -15.33 17.33 17.99
C ILE A 84 -15.16 17.63 16.50
N GLU A 85 -16.20 17.34 15.72
CA GLU A 85 -16.20 17.59 14.30
C GLU A 85 -16.15 19.09 13.98
N ILE A 86 -16.87 19.88 14.76
CA ILE A 86 -16.84 21.31 14.54
C ILE A 86 -15.42 21.82 14.75
N ASN A 87 -14.79 21.40 15.85
CA ASN A 87 -13.42 21.80 16.15
C ASN A 87 -12.43 21.34 15.07
N ALA A 88 -12.39 20.03 14.80
CA ALA A 88 -11.48 19.47 13.80
C ALA A 88 -11.68 20.06 12.39
N PHE A 89 -12.93 20.22 11.97
CA PHE A 89 -13.22 20.80 10.66
C PHE A 89 -12.75 22.27 10.59
N SER A 90 -13.08 23.05 11.63
CA SER A 90 -12.71 24.46 11.66
C SER A 90 -11.20 24.63 11.73
N LYS A 91 -10.56 23.76 12.52
CA LYS A 91 -9.11 23.79 12.69
C LYS A 91 -8.29 23.56 11.41
N VAL A 92 -8.73 22.63 10.56
CA VAL A 92 -7.98 22.38 9.33
C VAL A 92 -8.20 23.55 8.36
N ALA A 93 -9.36 24.19 8.46
CA ALA A 93 -9.66 25.33 7.60
C ALA A 93 -8.84 26.56 8.03
N LYS A 94 -8.69 26.74 9.33
CA LYS A 94 -7.93 27.86 9.87
C LYS A 94 -6.46 27.68 9.49
N ASN A 95 -5.97 26.45 9.59
CA ASN A 95 -4.58 26.15 9.23
C ASN A 95 -4.31 26.45 7.77
N LEU A 96 -5.24 26.10 6.88
CA LEU A 96 -5.03 26.39 5.47
C LEU A 96 -4.96 27.89 5.24
N ILE A 97 -5.92 28.62 5.80
CA ILE A 97 -5.99 30.07 5.67
C ILE A 97 -4.71 30.71 6.15
N GLU A 98 -4.23 30.26 7.29
CA GLU A 98 -3.01 30.78 7.89
C GLU A 98 -1.73 30.33 7.19
N LYS A 99 -1.57 29.02 7.01
CA LYS A 99 -0.35 28.50 6.36
C LYS A 99 -0.19 28.98 4.92
N LEU A 100 -1.31 29.10 4.19
CA LEU A 100 -1.28 29.57 2.83
C LEU A 100 -1.30 31.09 2.83
N ASN A 101 -1.58 31.65 4.00
CA ASN A 101 -1.67 33.09 4.21
C ASN A 101 -2.62 33.70 3.20
N ILE A 102 -3.88 33.28 3.28
CA ILE A 102 -4.90 33.77 2.37
C ILE A 102 -5.45 35.09 2.91
N ARG A 103 -5.49 36.10 2.07
CA ARG A 103 -5.99 37.41 2.46
C ARG A 103 -6.28 38.24 1.23
N ASP A 104 -7.29 39.11 1.32
CA ASP A 104 -7.67 39.97 0.21
C ASP A 104 -8.04 39.06 -0.97
N ASP A 105 -8.83 38.03 -0.67
CA ASP A 105 -9.25 37.08 -1.67
C ASP A 105 -10.61 36.50 -1.32
N GLU A 106 -11.21 35.84 -2.31
CA GLU A 106 -12.50 35.21 -2.16
C GLU A 106 -12.24 33.72 -1.88
N ILE A 107 -13.03 33.13 -0.99
CA ILE A 107 -12.88 31.72 -0.64
C ILE A 107 -14.25 31.04 -0.59
N GLU A 108 -14.33 29.82 -1.12
CA GLU A 108 -15.57 29.05 -1.08
C GLU A 108 -15.25 27.74 -0.38
N ILE A 109 -15.87 27.52 0.77
CA ILE A 109 -15.62 26.32 1.54
C ILE A 109 -16.79 25.35 1.47
N TYR A 110 -16.56 24.16 0.92
CA TYR A 110 -17.60 23.15 0.80
C TYR A 110 -17.38 22.09 1.87
N ILE A 111 -18.43 21.84 2.65
CA ILE A 111 -18.37 20.89 3.75
C ILE A 111 -19.33 19.73 3.57
N ASP A 112 -18.84 18.52 3.80
CA ASP A 112 -19.69 17.35 3.72
C ASP A 112 -20.18 17.26 5.17
N ALA A 113 -21.46 17.48 5.39
CA ALA A 113 -21.99 17.44 6.75
C ALA A 113 -22.81 16.21 7.04
N CYS A 114 -22.34 15.41 7.99
CA CYS A 114 -23.02 14.19 8.38
C CYS A 114 -24.08 14.48 9.44
N SER A 115 -23.76 15.38 10.37
CA SER A 115 -24.69 15.75 11.43
C SER A 115 -26.06 16.10 10.85
N THR A 116 -27.10 15.95 11.66
CA THR A 116 -28.45 16.24 11.20
C THR A 116 -28.76 17.71 10.94
N ASN A 117 -28.31 18.60 11.81
CA ASN A 117 -28.59 20.03 11.60
C ASN A 117 -27.42 20.70 10.91
N THR A 118 -27.45 20.69 9.57
CA THR A 118 -26.38 21.27 8.79
C THR A 118 -26.20 22.78 8.95
N LYS A 119 -27.29 23.54 8.90
CA LYS A 119 -27.15 24.98 9.05
C LYS A 119 -26.51 25.37 10.38
N LYS A 120 -26.81 24.66 11.45
CA LYS A 120 -26.23 24.97 12.76
C LYS A 120 -24.76 24.58 12.78
N PHE A 121 -24.42 23.49 12.09
CA PHE A 121 -23.03 23.05 12.03
C PHE A 121 -22.29 24.18 11.33
N GLU A 122 -22.86 24.64 10.23
CA GLU A 122 -22.30 25.70 9.43
C GLU A 122 -22.03 26.96 10.25
N ASP A 123 -23.01 27.35 11.08
CA ASP A 123 -22.87 28.54 11.91
C ASP A 123 -21.76 28.39 12.95
N SER A 124 -21.68 27.22 13.57
CA SER A 124 -20.64 26.98 14.57
C SER A 124 -19.26 27.00 13.90
N PHE A 125 -19.19 26.44 12.69
CA PHE A 125 -17.95 26.43 11.93
C PHE A 125 -17.55 27.89 11.69
N LYS A 126 -18.52 28.66 11.19
CA LYS A 126 -18.30 30.07 10.91
C LYS A 126 -17.82 30.81 12.16
N ASP A 127 -18.46 30.52 13.30
CA ASP A 127 -18.11 31.13 14.57
C ASP A 127 -16.66 30.82 14.96
N LYS A 128 -16.23 29.60 14.63
CA LYS A 128 -14.88 29.14 14.93
C LYS A 128 -13.77 29.85 14.13
N ILE A 129 -14.04 30.21 12.89
CA ILE A 129 -13.00 30.85 12.07
C ILE A 129 -13.09 32.37 12.02
N GLU A 130 -14.08 32.91 12.72
CA GLU A 130 -14.31 34.35 12.76
C GLU A 130 -13.05 35.18 13.11
N ASP A 131 -12.39 34.81 14.20
CA ASP A 131 -11.21 35.52 14.67
C ASP A 131 -10.03 35.62 13.70
N ILE A 132 -9.69 34.51 13.06
CA ILE A 132 -8.54 34.53 12.15
C ILE A 132 -8.79 35.23 10.83
N ILE A 133 -10.05 35.34 10.41
CA ILE A 133 -10.36 35.99 9.14
C ILE A 133 -10.79 37.46 9.25
N LYS A 134 -11.11 37.92 10.47
CA LYS A 134 -11.57 39.29 10.65
C LYS A 134 -10.72 40.36 9.96
N GLU A 135 -9.41 40.18 9.94
CA GLU A 135 -8.54 41.17 9.31
C GLU A 135 -7.80 40.69 8.06
N ARG A 136 -8.44 39.82 7.29
CA ARG A 136 -7.83 39.29 6.07
C ARG A 136 -8.58 39.75 4.83
N ASN A 137 -9.63 40.53 5.03
CA ASN A 137 -10.43 41.06 3.94
C ASN A 137 -10.84 39.95 2.98
N LEU A 138 -11.45 38.91 3.54
CA LEU A 138 -11.88 37.77 2.75
C LEU A 138 -13.40 37.72 2.58
N ASN A 139 -13.82 37.33 1.38
CA ASN A 139 -15.23 37.15 1.05
C ASN A 139 -15.36 35.62 1.13
N ILE A 140 -15.77 35.11 2.29
CA ILE A 140 -15.90 33.68 2.50
C ILE A 140 -17.33 33.15 2.34
N LYS A 141 -17.50 32.20 1.43
CA LYS A 141 -18.79 31.56 1.20
C LYS A 141 -18.69 30.15 1.78
N ILE A 142 -19.56 29.84 2.74
CA ILE A 142 -19.56 28.52 3.35
C ILE A 142 -20.80 27.77 2.90
N ILE A 143 -20.62 26.53 2.45
CA ILE A 143 -21.74 25.72 2.01
C ILE A 143 -21.57 24.30 2.52
N ALA A 144 -22.49 23.88 3.39
CA ALA A 144 -22.45 22.53 3.95
C ALA A 144 -23.73 21.80 3.63
N GLU A 145 -23.61 20.51 3.33
CA GLU A 145 -24.76 19.68 3.03
C GLU A 145 -24.39 18.21 3.11
N HIS A 146 -25.41 17.37 3.14
CA HIS A 146 -25.20 15.93 3.20
C HIS A 146 -24.70 15.44 1.85
N LYS A 147 -23.92 14.36 1.86
CA LYS A 147 -23.38 13.78 0.62
C LYS A 147 -22.70 14.79 -0.28
N ALA A 148 -21.97 15.74 0.32
CA ALA A 148 -21.29 16.76 -0.48
C ALA A 148 -20.18 16.15 -1.31
N ASP A 149 -19.62 15.01 -0.87
CA ASP A 149 -18.53 14.40 -1.62
C ASP A 149 -18.98 13.88 -2.97
N ALA A 150 -20.28 13.83 -3.18
CA ALA A 150 -20.82 13.35 -4.44
C ALA A 150 -21.13 14.52 -5.36
N LYS A 151 -21.11 15.73 -4.82
CA LYS A 151 -21.42 16.92 -5.60
C LYS A 151 -20.24 17.83 -5.94
N TYR A 152 -19.32 18.03 -4.99
CA TYR A 152 -18.18 18.93 -5.23
C TYR A 152 -16.83 18.24 -5.32
N PRO A 153 -16.12 18.46 -6.44
CA PRO A 153 -14.80 17.85 -6.62
C PRO A 153 -13.83 18.03 -5.45
N VAL A 154 -13.77 19.24 -4.87
CA VAL A 154 -12.83 19.45 -3.75
C VAL A 154 -13.20 18.65 -2.52
N VAL A 155 -14.48 18.37 -2.36
CA VAL A 155 -14.94 17.58 -1.23
C VAL A 155 -14.68 16.11 -1.53
N SER A 156 -14.85 15.71 -2.78
CA SER A 156 -14.58 14.32 -3.12
C SER A 156 -13.10 14.06 -2.87
N ALA A 157 -12.28 15.06 -3.17
CA ALA A 157 -10.83 14.93 -2.97
C ALA A 157 -10.50 14.69 -1.50
N ALA A 158 -11.05 15.53 -0.62
CA ALA A 158 -10.82 15.41 0.82
C ALA A 158 -11.28 14.06 1.35
N SER A 159 -12.44 13.61 0.88
CA SER A 159 -13.01 12.33 1.29
C SER A 159 -12.10 11.17 0.89
N ILE A 160 -11.63 11.21 -0.36
CA ILE A 160 -10.73 10.19 -0.88
C ILE A 160 -9.48 10.15 0.00
N ILE A 161 -8.93 11.32 0.28
CA ILE A 161 -7.72 11.40 1.11
C ILE A 161 -7.94 10.88 2.54
N ALA A 162 -8.99 11.34 3.20
CA ALA A 162 -9.25 10.91 4.58
C ALA A 162 -9.48 9.40 4.70
N LYS A 163 -10.20 8.83 3.76
CA LYS A 163 -10.47 7.39 3.79
C LYS A 163 -9.18 6.61 3.59
N ALA A 164 -8.34 7.10 2.66
CA ALA A 164 -7.05 6.46 2.38
C ALA A 164 -6.14 6.54 3.61
N GLU A 165 -6.20 7.64 4.34
CA GLU A 165 -5.39 7.79 5.55
C GLU A 165 -5.86 6.76 6.58
N ARG A 166 -7.17 6.67 6.75
CA ARG A 166 -7.76 5.74 7.71
C ARG A 166 -7.45 4.28 7.37
N ASP A 167 -7.46 3.95 6.08
CA ASP A 167 -7.19 2.60 5.63
C ASP A 167 -5.77 2.16 5.98
N GLU A 168 -4.81 3.04 5.75
CA GLU A 168 -3.42 2.74 6.04
C GLU A 168 -3.27 2.33 7.50
N ILE A 169 -3.91 3.08 8.38
CA ILE A 169 -3.85 2.78 9.81
C ILE A 169 -4.61 1.50 10.16
N ILE A 170 -5.83 1.37 9.65
CA ILE A 170 -6.63 0.19 9.94
C ILE A 170 -6.10 -1.11 9.34
N ASP A 171 -5.64 -1.04 8.09
CA ASP A 171 -5.10 -2.23 7.44
C ASP A 171 -3.86 -2.70 8.16
N TYR A 172 -3.16 -1.77 8.79
CA TYR A 172 -1.98 -2.16 9.52
C TYR A 172 -2.36 -2.86 10.81
N TYR A 173 -3.37 -2.33 11.49
CA TYR A 173 -3.83 -2.93 12.73
C TYR A 173 -4.15 -4.40 12.52
N LYS A 174 -4.69 -4.71 11.35
CA LYS A 174 -5.04 -6.10 11.05
C LYS A 174 -3.86 -7.06 11.17
N LYS A 175 -2.69 -6.52 11.46
CA LYS A 175 -1.50 -7.35 11.62
C LYS A 175 -1.15 -7.47 13.10
N ILE A 176 -1.64 -6.52 13.90
CA ILE A 176 -1.39 -6.51 15.34
C ILE A 176 -2.55 -7.10 16.11
N TYR A 177 -3.67 -7.33 15.43
CA TYR A 177 -4.85 -7.88 16.07
C TYR A 177 -5.48 -8.96 15.18
N GLY A 178 -5.09 -8.99 13.91
CA GLY A 178 -5.65 -9.96 13.00
C GLY A 178 -6.92 -9.37 12.41
N ASP A 179 -7.71 -10.19 11.71
CA ASP A 179 -8.95 -9.71 11.11
C ASP A 179 -9.86 -9.14 12.20
N ILE A 180 -9.98 -7.82 12.23
CA ILE A 180 -10.78 -7.11 13.21
C ILE A 180 -12.18 -6.81 12.68
N GLY A 181 -12.44 -7.23 11.45
CA GLY A 181 -13.74 -6.94 10.87
C GLY A 181 -13.69 -5.56 10.26
N SER A 182 -14.86 -5.00 9.98
CA SER A 182 -14.98 -3.69 9.35
C SER A 182 -14.87 -2.50 10.32
N GLY A 183 -14.92 -2.78 11.60
CA GLY A 183 -14.86 -1.70 12.57
C GLY A 183 -16.26 -1.32 13.01
N TYR A 184 -17.26 -1.84 12.31
CA TYR A 184 -18.65 -1.58 12.64
C TYR A 184 -19.26 -2.76 13.36
N PRO A 185 -20.28 -2.51 14.21
CA PRO A 185 -20.97 -3.54 14.99
C PRO A 185 -21.54 -4.74 14.20
N SER A 186 -22.00 -4.50 12.98
CA SER A 186 -22.57 -5.57 12.17
C SER A 186 -21.54 -6.69 11.97
N ASP A 187 -20.32 -6.30 11.64
CA ASP A 187 -19.27 -7.27 11.42
C ASP A 187 -19.09 -8.09 12.68
N PRO A 188 -19.55 -9.35 12.66
CA PRO A 188 -19.43 -10.23 13.82
C PRO A 188 -18.00 -10.35 14.33
N LYS A 189 -17.03 -10.07 13.45
CA LYS A 189 -15.62 -10.15 13.83
C LYS A 189 -15.19 -8.90 14.60
N THR A 190 -15.94 -7.81 14.42
CA THR A 190 -15.64 -6.58 15.14
C THR A 190 -16.22 -6.70 16.54
N ILE A 191 -17.54 -6.86 16.61
CA ILE A 191 -18.20 -7.03 17.91
C ILE A 191 -17.56 -8.21 18.63
N LYS A 192 -16.90 -9.10 17.88
CA LYS A 192 -16.23 -10.24 18.49
C LYS A 192 -14.87 -9.85 19.04
N PHE A 193 -13.99 -9.35 18.16
CA PHE A 193 -12.65 -8.90 18.54
C PHE A 193 -12.67 -8.11 19.84
N LEU A 194 -13.76 -7.40 20.09
CA LEU A 194 -13.88 -6.60 21.31
C LEU A 194 -14.16 -7.51 22.51
N GLU A 195 -15.22 -8.31 22.42
CA GLU A 195 -15.57 -9.22 23.51
C GLU A 195 -14.39 -10.13 23.82
N ASP A 196 -13.73 -10.64 22.78
CA ASP A 196 -12.59 -11.54 22.96
C ASP A 196 -11.45 -10.87 23.72
N TYR A 197 -11.12 -9.65 23.31
CA TYR A 197 -10.05 -8.90 23.95
C TYR A 197 -10.42 -8.61 25.41
N PHE A 198 -11.68 -8.27 25.64
CA PHE A 198 -12.13 -7.95 26.98
C PHE A 198 -12.05 -9.15 27.94
N LYS A 199 -12.37 -10.34 27.45
CA LYS A 199 -12.30 -11.52 28.32
C LYS A 199 -10.87 -11.85 28.67
N LYS A 200 -9.98 -11.73 27.69
CA LYS A 200 -8.57 -12.05 27.89
C LYS A 200 -7.78 -10.95 28.57
N HIS A 201 -8.11 -9.69 28.30
CA HIS A 201 -7.39 -8.58 28.89
C HIS A 201 -8.08 -7.86 30.05
N LYS A 202 -9.37 -8.11 30.24
CA LYS A 202 -10.11 -7.46 31.33
C LYS A 202 -10.30 -5.96 31.08
N LYS A 203 -9.94 -5.52 29.88
CA LYS A 203 -10.07 -4.13 29.47
C LYS A 203 -10.37 -4.10 27.96
N LEU A 204 -10.77 -2.96 27.43
CA LEU A 204 -11.03 -2.88 26.00
C LEU A 204 -9.71 -2.59 25.29
N PRO A 205 -9.59 -3.00 24.02
CA PRO A 205 -8.33 -2.73 23.30
C PRO A 205 -8.17 -1.21 23.18
N ASP A 206 -6.93 -0.75 23.05
CA ASP A 206 -6.64 0.67 22.94
C ASP A 206 -7.34 1.37 21.77
N ILE A 207 -7.62 0.62 20.71
CA ILE A 207 -8.27 1.20 19.54
C ILE A 207 -9.79 1.26 19.61
N ALA A 208 -10.36 0.79 20.72
CA ALA A 208 -11.81 0.80 20.91
C ALA A 208 -12.30 2.17 21.38
N ARG A 209 -13.43 2.62 20.84
CA ARG A 209 -14.00 3.90 21.25
C ARG A 209 -14.95 3.59 22.38
N THR A 210 -14.55 4.00 23.58
CA THR A 210 -15.31 3.74 24.79
C THR A 210 -16.75 4.21 24.84
N HIS A 211 -17.09 5.29 24.15
CA HIS A 211 -18.44 5.80 24.20
C HIS A 211 -19.42 5.18 23.22
N TRP A 212 -18.94 4.35 22.31
CA TRP A 212 -19.82 3.71 21.35
C TRP A 212 -20.63 2.65 22.09
N LYS A 213 -21.89 2.46 21.69
CA LYS A 213 -22.78 1.51 22.36
C LYS A 213 -22.21 0.13 22.64
N THR A 214 -21.61 -0.49 21.62
CA THR A 214 -21.04 -1.81 21.76
C THR A 214 -20.04 -1.87 22.93
N CYS A 215 -19.14 -0.90 22.99
CA CYS A 215 -18.14 -0.83 24.05
C CYS A 215 -18.75 -0.54 25.40
N LYS A 216 -19.65 0.44 25.44
CA LYS A 216 -20.32 0.77 26.70
C LYS A 216 -21.05 -0.48 27.23
N ARG A 217 -21.64 -1.25 26.32
CA ARG A 217 -22.37 -2.45 26.72
C ARG A 217 -21.41 -3.49 27.30
N ILE A 218 -20.30 -3.74 26.61
CA ILE A 218 -19.31 -4.70 27.07
C ILE A 218 -18.85 -4.36 28.50
N LEU A 219 -18.61 -3.07 28.75
CA LEU A 219 -18.16 -2.62 30.05
C LEU A 219 -19.19 -2.80 31.15
N ASP A 220 -20.48 -2.68 30.78
CA ASP A 220 -21.55 -2.82 31.75
C ASP A 220 -21.84 -4.27 32.14
N LYS A 221 -21.63 -5.22 31.22
CA LYS A 221 -21.89 -6.62 31.52
C LYS A 221 -21.15 -7.13 32.75
N SER A 222 -19.88 -6.74 32.90
CA SER A 222 -19.09 -7.16 34.06
C SER A 222 -19.60 -6.38 35.28
N LYS A 223 -20.53 -5.45 35.01
CA LYS A 223 -21.16 -4.64 36.03
C LYS A 223 -20.20 -3.74 36.81
N GLN A 224 -18.95 -3.64 36.37
CA GLN A 224 -17.98 -2.80 37.05
C GLN A 224 -18.26 -1.32 36.79
N THR A 225 -18.39 -0.97 35.51
CA THR A 225 -18.66 0.40 35.11
C THR A 225 -19.00 0.48 33.62
N ILE B 2 5.65 0.04 -25.96
CA ILE B 2 5.62 -0.47 -24.59
C ILE B 2 7.05 -0.72 -24.13
N ILE B 3 7.33 -0.35 -22.88
CA ILE B 3 8.64 -0.56 -22.27
C ILE B 3 8.42 -1.52 -21.10
N ILE B 4 9.21 -2.59 -21.06
CA ILE B 4 9.06 -3.62 -20.03
C ILE B 4 10.34 -3.82 -19.22
N GLY B 5 10.18 -3.91 -17.91
CA GLY B 5 11.32 -4.14 -17.04
C GLY B 5 11.09 -5.50 -16.40
N ILE B 6 12.13 -6.32 -16.23
CA ILE B 6 11.94 -7.62 -15.58
C ILE B 6 13.02 -7.80 -14.54
N ASP B 7 12.61 -8.26 -13.34
CA ASP B 7 13.58 -8.51 -12.29
C ASP B 7 13.06 -9.65 -11.41
N GLU B 8 13.81 -9.99 -10.38
CA GLU B 8 13.39 -11.08 -9.51
C GLU B 8 13.74 -10.73 -8.08
N ALA B 9 13.21 -11.51 -7.14
CA ALA B 9 13.49 -11.33 -5.72
C ALA B 9 13.66 -12.71 -5.11
N GLY B 10 14.46 -12.79 -4.05
CA GLY B 10 14.67 -14.03 -3.33
C GLY B 10 15.66 -15.07 -3.84
N ARG B 11 16.47 -14.70 -4.82
CA ARG B 11 17.47 -15.59 -5.40
C ARG B 11 18.48 -16.08 -4.36
N GLY B 12 18.81 -15.24 -3.39
CA GLY B 12 19.80 -15.62 -2.40
C GLY B 12 19.49 -16.49 -1.18
N PRO B 13 18.34 -16.32 -0.51
CA PRO B 13 17.98 -17.10 0.66
C PRO B 13 17.97 -18.60 0.45
N VAL B 14 18.18 -19.34 1.53
CA VAL B 14 18.19 -20.81 1.50
C VAL B 14 16.77 -21.34 1.69
N LEU B 15 15.80 -20.45 1.74
CA LEU B 15 14.43 -20.85 1.93
C LEU B 15 13.46 -19.88 1.33
N GLY B 16 12.21 -20.31 1.21
CA GLY B 16 11.20 -19.44 0.70
C GLY B 16 11.14 -19.45 -0.80
N PRO B 17 10.26 -18.63 -1.37
CA PRO B 17 10.10 -18.55 -2.82
C PRO B 17 10.96 -17.54 -3.53
N VAL B 19 10.54 -14.84 -6.72
CA VAL B 19 9.45 -14.18 -7.43
C VAL B 19 10.07 -13.49 -8.63
N VAL B 20 9.47 -13.66 -9.80
CA VAL B 20 9.94 -13.05 -11.01
C VAL B 20 8.81 -12.16 -11.49
N CYS B 21 9.14 -10.91 -11.77
CA CYS B 21 8.13 -9.95 -12.19
C CYS B 21 8.54 -9.15 -13.43
N ALA B 22 7.57 -8.92 -14.32
CA ALA B 22 7.79 -8.11 -15.51
C ALA B 22 6.79 -6.95 -15.33
N PHE B 23 7.30 -5.72 -15.46
CA PHE B 23 6.49 -4.52 -15.29
C PHE B 23 6.50 -3.77 -16.63
N ALA B 24 5.32 -3.52 -17.18
CA ALA B 24 5.22 -2.85 -18.48
C ALA B 24 4.35 -1.60 -18.46
N ILE B 25 4.75 -0.59 -19.21
CA ILE B 25 3.97 0.65 -19.33
C ILE B 25 4.24 1.32 -20.66
N GLU B 26 3.36 2.23 -21.03
CA GLU B 26 3.51 3.01 -22.26
C GLU B 26 4.73 3.88 -22.04
N LYS B 27 5.60 3.99 -23.02
CA LYS B 27 6.79 4.84 -22.83
C LYS B 27 6.36 6.27 -22.52
N GLU B 28 5.17 6.66 -22.98
CA GLU B 28 4.71 8.02 -22.74
C GLU B 28 4.34 8.30 -21.30
N ARG B 29 4.14 7.26 -20.51
CA ARG B 29 3.78 7.43 -19.11
C ARG B 29 5.01 7.27 -18.23
N GLU B 30 6.18 7.29 -18.87
CA GLU B 30 7.45 7.15 -18.16
C GLU B 30 7.67 8.21 -17.06
N GLU B 31 7.37 9.48 -17.35
CA GLU B 31 7.58 10.52 -16.33
C GLU B 31 6.70 10.25 -15.11
N GLU B 32 5.54 9.66 -15.36
CA GLU B 32 4.59 9.32 -14.31
C GLU B 32 5.22 8.29 -13.37
N LEU B 33 5.91 7.30 -13.96
CA LEU B 33 6.56 6.27 -13.15
C LEU B 33 7.69 6.86 -12.31
N LYS B 34 8.45 7.78 -12.89
CA LYS B 34 9.55 8.42 -12.15
C LYS B 34 9.00 9.20 -10.95
N LYS B 35 7.89 9.87 -11.18
CA LYS B 35 7.23 10.68 -10.16
C LYS B 35 6.78 9.86 -8.96
N LEU B 36 6.53 8.58 -9.19
CA LEU B 36 6.08 7.67 -8.14
C LEU B 36 7.21 7.47 -7.13
N GLY B 37 8.44 7.82 -7.52
CA GLY B 37 9.57 7.70 -6.62
C GLY B 37 10.22 6.33 -6.53
N VAL B 38 10.15 5.56 -7.60
CA VAL B 38 10.76 4.24 -7.64
C VAL B 38 12.27 4.47 -7.74
N LYS B 39 12.63 5.71 -8.07
CA LYS B 39 14.03 6.10 -8.19
C LYS B 39 14.63 6.20 -6.80
N ASP B 40 14.24 5.28 -5.92
CA ASP B 40 14.72 5.25 -4.55
C ASP B 40 15.80 4.19 -4.40
N SER B 41 16.62 4.34 -3.37
CA SER B 41 17.69 3.39 -3.11
C SER B 41 17.08 2.03 -2.80
N LYS B 42 17.92 0.99 -2.79
CA LYS B 42 17.47 -0.36 -2.50
C LYS B 42 17.50 -0.57 -1.00
N GLU B 43 17.39 0.52 -0.25
CA GLU B 43 17.41 0.48 1.21
C GLU B 43 16.02 0.61 1.82
N LEU B 44 15.00 0.41 0.99
CA LEU B 44 13.60 0.51 1.41
C LEU B 44 13.25 -0.51 2.48
N THR B 45 12.30 -0.16 3.33
CA THR B 45 11.84 -1.07 4.39
C THR B 45 10.72 -1.92 3.80
N LYS B 46 10.38 -3.02 4.47
CA LYS B 46 9.30 -3.88 4.00
C LYS B 46 8.00 -3.08 3.84
N ASN B 47 7.69 -2.22 4.81
CA ASN B 47 6.45 -1.44 4.73
C ASN B 47 6.40 -0.49 3.54
N LYS B 48 7.51 0.17 3.26
CA LYS B 48 7.57 1.12 2.17
C LYS B 48 7.44 0.40 0.82
N ARG B 49 8.02 -0.79 0.73
CA ARG B 49 7.98 -1.60 -0.49
C ARG B 49 6.52 -2.04 -0.73
N ALA B 50 5.85 -2.39 0.35
CA ALA B 50 4.44 -2.80 0.27
C ALA B 50 3.58 -1.63 -0.23
N TYR B 51 3.91 -0.43 0.23
CA TYR B 51 3.17 0.77 -0.17
C TYR B 51 3.42 1.05 -1.65
N LEU B 52 4.69 1.07 -2.03
CA LEU B 52 5.09 1.32 -3.40
C LEU B 52 4.45 0.33 -4.36
N LYS B 53 4.37 -0.94 -3.96
CA LYS B 53 3.77 -1.95 -4.82
C LYS B 53 2.33 -1.53 -5.20
N LYS B 54 1.56 -1.08 -4.22
CA LYS B 54 0.19 -0.65 -4.48
C LYS B 54 0.14 0.41 -5.56
N LEU B 55 1.00 1.41 -5.47
CA LEU B 55 0.99 2.48 -6.47
C LEU B 55 1.45 1.98 -7.83
N LEU B 56 2.52 1.20 -7.84
CA LEU B 56 3.09 0.64 -9.06
C LEU B 56 2.10 -0.23 -9.84
N GLU B 57 1.37 -1.08 -9.12
CA GLU B 57 0.41 -1.96 -9.76
C GLU B 57 -0.75 -1.20 -10.38
N ASN B 58 -1.02 -0.03 -9.85
CA ASN B 58 -2.12 0.78 -10.38
C ASN B 58 -1.64 1.48 -11.64
N LEU B 59 -0.34 1.74 -11.72
CA LEU B 59 0.25 2.43 -12.85
C LEU B 59 0.59 1.58 -14.08
N GLY B 60 1.15 0.40 -13.89
CA GLY B 60 1.52 -0.40 -15.04
C GLY B 60 0.87 -1.77 -15.11
N TYR B 61 1.32 -2.55 -16.09
CA TYR B 61 0.83 -3.90 -16.26
C TYR B 61 1.87 -4.80 -15.58
N VAL B 62 1.40 -5.59 -14.63
CA VAL B 62 2.26 -6.44 -13.82
C VAL B 62 2.05 -7.95 -14.05
N GLU B 63 3.10 -8.64 -14.47
CA GLU B 63 3.03 -10.09 -14.68
C GLU B 63 3.94 -10.69 -13.59
N LYS B 64 3.44 -11.69 -12.89
CA LYS B 64 4.20 -12.31 -11.82
C LYS B 64 4.29 -13.83 -11.92
N ARG B 65 5.38 -14.37 -11.42
CA ARG B 65 5.63 -15.81 -11.41
C ARG B 65 6.26 -16.07 -10.05
N ILE B 66 5.61 -16.91 -9.26
CA ILE B 66 6.13 -17.24 -7.95
C ILE B 66 6.54 -18.72 -7.95
N LEU B 67 7.77 -19.00 -7.57
CA LEU B 67 8.25 -20.37 -7.52
C LEU B 67 8.55 -20.72 -6.05
N GLU B 68 7.72 -21.56 -5.43
CA GLU B 68 7.98 -21.89 -4.05
C GLU B 68 9.19 -22.81 -3.99
N ALA B 69 9.80 -22.94 -2.82
CA ALA B 69 10.96 -23.79 -2.66
C ALA B 69 10.72 -25.20 -3.19
N GLU B 70 9.51 -25.72 -2.98
CA GLU B 70 9.21 -27.05 -3.45
C GLU B 70 9.31 -27.17 -4.96
N GLU B 71 8.88 -26.13 -5.69
CA GLU B 71 8.98 -26.19 -7.15
C GLU B 71 10.44 -26.01 -7.55
N ILE B 72 11.13 -25.10 -6.85
CA ILE B 72 12.53 -24.87 -7.13
C ILE B 72 13.29 -26.20 -6.89
N ASN B 73 13.00 -26.89 -5.81
CA ASN B 73 13.72 -28.14 -5.57
C ASN B 73 13.47 -29.14 -6.71
N GLN B 74 12.21 -29.26 -7.11
CA GLN B 74 11.83 -30.17 -8.20
C GLN B 74 12.57 -29.83 -9.50
N LEU B 75 12.47 -28.57 -9.94
CA LEU B 75 13.14 -28.14 -11.16
C LEU B 75 14.64 -28.39 -11.14
N ASN B 77 16.15 -30.76 -9.92
CA ASN B 77 16.50 -32.16 -10.03
C ASN B 77 17.02 -32.38 -11.43
N SER B 78 16.71 -31.44 -12.34
CA SER B 78 17.11 -31.54 -13.74
C SER B 78 17.89 -30.37 -14.30
N ILE B 79 17.43 -29.14 -14.04
CA ILE B 79 18.12 -27.95 -14.55
C ILE B 79 18.68 -27.14 -13.39
N ASN B 80 19.61 -26.24 -13.68
CA ASN B 80 20.21 -25.41 -12.65
C ASN B 80 19.49 -24.07 -12.50
N LEU B 81 19.84 -23.36 -11.44
CA LEU B 81 19.23 -22.06 -11.13
C LEU B 81 19.25 -21.04 -12.27
N ASN B 82 20.36 -20.99 -13.01
CA ASN B 82 20.47 -20.05 -14.12
C ASN B 82 19.45 -20.36 -15.22
N ASP B 83 19.19 -21.65 -15.45
CA ASP B 83 18.22 -22.05 -16.47
C ASP B 83 16.83 -21.64 -15.97
N ILE B 84 16.54 -21.95 -14.71
CA ILE B 84 15.24 -21.58 -14.14
C ILE B 84 14.99 -20.08 -14.36
N GLU B 85 15.98 -19.25 -14.02
CA GLU B 85 15.85 -17.81 -14.19
C GLU B 85 15.58 -17.41 -15.63
N ILE B 86 16.38 -17.97 -16.54
CA ILE B 86 16.18 -17.67 -17.95
C ILE B 86 14.76 -18.05 -18.39
N ASN B 87 14.32 -19.24 -18.01
CA ASN B 87 12.98 -19.70 -18.38
C ASN B 87 11.87 -18.81 -17.79
N ALA B 88 11.95 -18.53 -16.50
CA ALA B 88 10.95 -17.73 -15.83
C ALA B 88 10.94 -16.29 -16.37
N PHE B 89 12.11 -15.71 -16.61
CA PHE B 89 12.15 -14.36 -17.15
C PHE B 89 11.47 -14.33 -18.54
N SER B 90 11.76 -15.32 -19.38
CA SER B 90 11.19 -15.34 -20.72
C SER B 90 9.70 -15.64 -20.68
N LYS B 91 9.29 -16.50 -19.75
CA LYS B 91 7.87 -16.83 -19.63
C LYS B 91 7.02 -15.62 -19.22
N VAL B 92 7.48 -14.81 -18.26
CA VAL B 92 6.65 -13.65 -17.88
C VAL B 92 6.64 -12.64 -19.03
N ALA B 93 7.74 -12.55 -19.77
CA ALA B 93 7.79 -11.64 -20.92
C ALA B 93 6.76 -12.06 -21.99
N LYS B 94 6.82 -13.32 -22.40
CA LYS B 94 5.91 -13.83 -23.40
C LYS B 94 4.46 -13.75 -22.94
N ASN B 95 4.22 -14.05 -21.66
CA ASN B 95 2.87 -14.00 -21.11
C ASN B 95 2.31 -12.59 -21.08
N LEU B 96 3.15 -11.62 -20.77
CA LEU B 96 2.71 -10.24 -20.70
C LEU B 96 2.42 -9.74 -22.13
N ILE B 97 3.28 -10.10 -23.08
CA ILE B 97 3.10 -9.69 -24.47
C ILE B 97 1.81 -10.30 -25.06
N GLU B 98 1.54 -11.54 -24.69
CA GLU B 98 0.34 -12.22 -25.16
C GLU B 98 -0.92 -11.68 -24.50
N LYS B 99 -0.86 -11.43 -23.19
CA LYS B 99 -2.04 -10.91 -22.48
C LYS B 99 -2.41 -9.49 -22.96
N LEU B 100 -1.41 -8.66 -23.23
CA LEU B 100 -1.70 -7.30 -23.70
C LEU B 100 -1.84 -7.32 -25.22
N ASN B 101 -1.63 -8.49 -25.81
CA ASN B 101 -1.68 -8.66 -27.26
C ASN B 101 -0.90 -7.57 -28.00
N ILE B 102 0.39 -7.44 -27.67
CA ILE B 102 1.26 -6.47 -28.32
C ILE B 102 1.72 -7.04 -29.65
N ARG B 103 1.61 -6.26 -30.72
CA ARG B 103 2.04 -6.73 -32.03
C ARG B 103 2.15 -5.57 -33.02
N ASP B 104 2.91 -5.78 -34.08
CA ASP B 104 3.10 -4.76 -35.11
C ASP B 104 3.56 -3.44 -34.52
N ASP B 105 4.58 -3.50 -33.66
CA ASP B 105 5.07 -2.29 -33.02
C ASP B 105 6.47 -2.49 -32.47
N GLU B 106 7.07 -1.41 -32.00
CA GLU B 106 8.40 -1.47 -31.39
C GLU B 106 8.15 -1.87 -29.95
N ILE B 107 9.19 -2.37 -29.29
CA ILE B 107 9.08 -2.77 -27.90
C ILE B 107 10.47 -2.82 -27.32
N GLU B 108 10.61 -2.53 -26.03
CA GLU B 108 11.91 -2.58 -25.39
C GLU B 108 11.82 -3.35 -24.10
N ILE B 109 12.76 -4.27 -23.90
CA ILE B 109 12.76 -5.03 -22.69
C ILE B 109 14.08 -4.87 -21.94
N TYR B 110 13.98 -4.43 -20.70
CA TYR B 110 15.14 -4.24 -19.84
C TYR B 110 15.11 -5.36 -18.80
N ILE B 111 16.16 -6.16 -18.72
CA ILE B 111 16.24 -7.25 -17.76
C ILE B 111 17.47 -7.13 -16.85
N ASP B 112 17.29 -7.50 -15.59
CA ASP B 112 18.38 -7.45 -14.62
C ASP B 112 19.11 -8.76 -14.61
N ALA B 113 20.38 -8.77 -15.02
CA ALA B 113 21.17 -10.00 -15.02
C ALA B 113 21.66 -10.21 -13.59
N CYS B 114 21.05 -11.15 -12.88
CA CYS B 114 21.42 -11.41 -11.50
C CYS B 114 22.48 -12.48 -11.36
N SER B 115 22.89 -13.06 -12.49
CA SER B 115 23.92 -14.08 -12.44
C SER B 115 25.25 -13.56 -12.96
N THR B 116 26.24 -14.43 -13.03
CA THR B 116 27.60 -14.08 -13.44
C THR B 116 27.90 -13.98 -14.93
N ASN B 117 26.95 -14.35 -15.78
CA ASN B 117 27.23 -14.28 -17.20
C ASN B 117 26.13 -13.48 -17.91
N THR B 118 26.26 -12.17 -17.85
CA THR B 118 25.30 -11.26 -18.45
C THR B 118 24.96 -11.55 -19.90
N LYS B 119 25.99 -11.71 -20.73
CA LYS B 119 25.78 -11.97 -22.15
C LYS B 119 25.08 -13.31 -22.40
N LYS B 120 25.46 -14.33 -21.63
CA LYS B 120 24.83 -15.63 -21.78
C LYS B 120 23.35 -15.48 -21.43
N PHE B 121 23.07 -14.79 -20.33
CA PHE B 121 21.70 -14.58 -19.87
C PHE B 121 20.84 -13.91 -20.94
N GLU B 122 21.33 -12.80 -21.48
CA GLU B 122 20.61 -12.07 -22.51
C GLU B 122 20.39 -12.90 -23.79
N ASP B 123 21.42 -13.56 -24.28
CA ASP B 123 21.30 -14.39 -25.49
C ASP B 123 20.31 -15.54 -25.30
N SER B 124 20.29 -16.12 -24.10
CA SER B 124 19.35 -17.22 -23.83
C SER B 124 17.93 -16.67 -23.83
N PHE B 125 17.76 -15.53 -23.17
CA PHE B 125 16.48 -14.85 -23.08
C PHE B 125 15.92 -14.60 -24.48
N LYS B 126 16.71 -13.95 -25.34
CA LYS B 126 16.22 -13.67 -26.68
C LYS B 126 15.92 -14.96 -27.45
N ASP B 127 16.71 -16.01 -27.22
CA ASP B 127 16.46 -17.29 -27.90
C ASP B 127 15.09 -17.81 -27.51
N LYS B 128 14.72 -17.64 -26.25
CA LYS B 128 13.44 -18.10 -25.75
C LYS B 128 12.23 -17.35 -26.30
N ILE B 129 12.37 -16.04 -26.53
CA ILE B 129 11.24 -15.26 -27.04
C ILE B 129 11.28 -14.92 -28.54
N GLU B 130 12.37 -15.27 -29.21
CA GLU B 130 12.51 -14.97 -30.63
C GLU B 130 11.29 -15.38 -31.45
N ASP B 131 10.78 -16.57 -31.16
CA ASP B 131 9.61 -17.10 -31.87
C ASP B 131 8.40 -16.17 -31.81
N ILE B 132 8.07 -15.71 -30.62
CA ILE B 132 6.91 -14.84 -30.44
C ILE B 132 7.15 -13.45 -31.03
N ILE B 133 8.38 -12.94 -30.87
CA ILE B 133 8.69 -11.62 -31.40
C ILE B 133 8.43 -11.60 -32.90
N LYS B 134 9.07 -12.51 -33.62
CA LYS B 134 8.89 -12.57 -35.06
C LYS B 134 7.43 -12.85 -35.42
N GLU B 135 6.82 -13.81 -34.74
CA GLU B 135 5.43 -14.16 -35.02
C GLU B 135 4.51 -12.93 -34.90
N ARG B 136 4.80 -12.06 -33.94
CA ARG B 136 3.98 -10.86 -33.74
C ARG B 136 4.46 -9.60 -34.44
N ASN B 137 5.48 -9.72 -35.29
CA ASN B 137 6.03 -8.56 -35.98
C ASN B 137 6.42 -7.44 -35.03
N LEU B 138 7.13 -7.79 -33.97
CA LEU B 138 7.57 -6.80 -33.02
C LEU B 138 9.03 -6.47 -33.31
N ASN B 139 9.39 -5.19 -33.19
CA ASN B 139 10.76 -4.74 -33.39
C ASN B 139 11.25 -4.47 -31.97
N ILE B 140 11.88 -5.48 -31.40
CA ILE B 140 12.35 -5.43 -30.04
C ILE B 140 13.77 -4.91 -29.84
N LYS B 141 13.99 -4.38 -28.65
CA LYS B 141 15.28 -3.87 -28.21
C LYS B 141 15.43 -4.49 -26.81
N ILE B 142 16.43 -5.33 -26.63
CA ILE B 142 16.68 -5.99 -25.36
C ILE B 142 17.95 -5.43 -24.71
N ILE B 143 17.87 -5.15 -23.43
CA ILE B 143 19.00 -4.62 -22.67
C ILE B 143 19.12 -5.40 -21.37
N ALA B 144 20.26 -6.03 -21.17
CA ALA B 144 20.50 -6.79 -19.96
C ALA B 144 21.78 -6.32 -19.29
N GLU B 145 21.72 -6.11 -17.98
CA GLU B 145 22.89 -5.70 -17.24
C GLU B 145 22.70 -5.91 -15.76
N HIS B 146 23.81 -6.02 -15.06
CA HIS B 146 23.80 -6.20 -13.60
C HIS B 146 23.27 -4.91 -12.95
N LYS B 147 22.64 -5.08 -11.80
CA LYS B 147 22.09 -3.97 -11.04
C LYS B 147 21.20 -3.04 -11.87
N ALA B 148 20.46 -3.63 -12.81
CA ALA B 148 19.56 -2.85 -13.67
C ALA B 148 18.43 -2.18 -12.89
N ASP B 149 18.08 -2.74 -11.74
CA ASP B 149 17.02 -2.14 -10.93
C ASP B 149 17.51 -0.84 -10.29
N ALA B 150 18.78 -0.52 -10.49
CA ALA B 150 19.36 0.69 -9.94
C ALA B 150 19.41 1.78 -11.02
N LYS B 151 19.20 1.40 -12.29
CA LYS B 151 19.28 2.39 -13.36
C LYS B 151 18.11 2.54 -14.32
N TYR B 152 17.25 1.53 -14.42
CA TYR B 152 16.10 1.64 -15.31
C TYR B 152 14.83 1.58 -14.46
N PRO B 153 14.05 2.68 -14.43
CA PRO B 153 12.81 2.74 -13.65
C PRO B 153 11.92 1.50 -13.69
N VAL B 154 11.53 1.06 -14.88
CA VAL B 154 10.66 -0.12 -15.04
C VAL B 154 11.25 -1.40 -14.41
N VAL B 155 12.57 -1.49 -14.37
CA VAL B 155 13.23 -2.65 -13.76
C VAL B 155 13.14 -2.43 -12.25
N SER B 156 13.30 -1.18 -11.83
CA SER B 156 13.22 -0.84 -10.42
C SER B 156 11.82 -1.22 -9.93
N ALA B 157 10.82 -0.89 -10.73
CA ALA B 157 9.43 -1.21 -10.38
C ALA B 157 9.26 -2.73 -10.29
N ALA B 158 9.77 -3.44 -11.29
CA ALA B 158 9.67 -4.90 -11.29
C ALA B 158 10.29 -5.48 -10.01
N SER B 159 11.43 -4.93 -9.64
CA SER B 159 12.16 -5.38 -8.46
C SER B 159 11.38 -5.18 -7.17
N ILE B 160 10.90 -3.97 -6.97
CA ILE B 160 10.11 -3.62 -5.78
C ILE B 160 8.88 -4.50 -5.65
N ILE B 161 8.21 -4.76 -6.77
CA ILE B 161 7.02 -5.59 -6.76
C ILE B 161 7.38 -7.03 -6.41
N ALA B 162 8.43 -7.56 -7.05
CA ALA B 162 8.85 -8.93 -6.79
C ALA B 162 9.22 -9.13 -5.30
N LYS B 163 9.93 -8.16 -4.72
CA LYS B 163 10.33 -8.24 -3.32
C LYS B 163 9.12 -8.10 -2.40
N ALA B 164 8.19 -7.19 -2.72
CA ALA B 164 6.99 -7.02 -1.88
C ALA B 164 6.14 -8.29 -1.86
N GLU B 165 6.06 -8.95 -3.01
CA GLU B 165 5.31 -10.19 -3.14
C GLU B 165 5.96 -11.26 -2.27
N ARG B 166 7.29 -11.33 -2.36
CA ARG B 166 8.01 -12.32 -1.55
C ARG B 166 7.81 -12.06 -0.07
N ASP B 167 7.88 -10.78 0.32
CA ASP B 167 7.69 -10.39 1.72
C ASP B 167 6.37 -10.87 2.27
N GLU B 168 5.32 -10.78 1.45
CA GLU B 168 3.99 -11.20 1.83
C GLU B 168 3.94 -12.70 2.14
N ILE B 169 4.56 -13.48 1.28
CA ILE B 169 4.56 -14.94 1.44
C ILE B 169 5.34 -15.34 2.69
N ILE B 170 6.53 -14.77 2.83
CA ILE B 170 7.39 -15.02 3.99
C ILE B 170 6.71 -14.65 5.30
N ASP B 171 6.06 -13.50 5.34
CA ASP B 171 5.37 -13.08 6.56
C ASP B 171 4.42 -14.15 7.10
N TYR B 172 3.75 -14.88 6.22
CA TYR B 172 2.82 -15.91 6.67
C TYR B 172 3.52 -17.20 7.06
N TYR B 173 4.75 -17.40 6.61
CA TYR B 173 5.51 -18.60 6.98
C TYR B 173 5.77 -18.55 8.48
N LYS B 174 5.93 -17.34 9.01
CA LYS B 174 6.18 -17.13 10.44
C LYS B 174 5.07 -17.71 11.30
N LYS B 175 3.85 -17.70 10.78
CA LYS B 175 2.71 -18.23 11.52
C LYS B 175 2.75 -19.74 11.53
N ILE B 176 3.59 -20.31 10.68
CA ILE B 176 3.74 -21.77 10.61
C ILE B 176 5.00 -22.29 11.26
N TYR B 177 6.09 -21.52 11.18
CA TYR B 177 7.37 -21.94 11.73
C TYR B 177 7.95 -21.09 12.84
N GLY B 178 7.43 -19.88 13.01
CA GLY B 178 7.96 -19.00 14.02
C GLY B 178 8.99 -18.08 13.39
N ASP B 179 9.85 -17.47 14.20
CA ASP B 179 10.87 -16.55 13.70
C ASP B 179 11.93 -17.29 12.90
N ILE B 180 11.78 -17.31 11.57
CA ILE B 180 12.73 -18.00 10.70
C ILE B 180 13.91 -17.15 10.25
N GLY B 181 14.02 -15.92 10.76
CA GLY B 181 15.12 -15.06 10.39
C GLY B 181 15.02 -14.55 8.97
N SER B 182 16.10 -13.94 8.48
CA SER B 182 16.15 -13.35 7.13
C SER B 182 16.15 -14.36 5.98
N GLY B 183 16.48 -15.60 6.28
CA GLY B 183 16.54 -16.58 5.22
C GLY B 183 17.97 -16.83 4.79
N TYR B 184 18.93 -16.05 5.32
CA TYR B 184 20.34 -16.22 4.99
C TYR B 184 21.12 -16.84 6.16
N PRO B 185 22.16 -17.65 5.85
CA PRO B 185 22.96 -18.29 6.91
C PRO B 185 23.70 -17.33 7.86
N SER B 186 23.73 -16.05 7.50
CA SER B 186 24.38 -15.06 8.35
C SER B 186 23.48 -14.74 9.54
N ASP B 187 22.26 -15.26 9.51
CA ASP B 187 21.31 -15.03 10.57
C ASP B 187 21.10 -16.28 11.42
N PRO B 188 21.60 -16.27 12.68
CA PRO B 188 21.49 -17.38 13.62
C PRO B 188 20.07 -17.90 13.74
N LYS B 189 19.10 -17.01 13.54
CA LYS B 189 17.70 -17.40 13.63
C LYS B 189 17.34 -18.37 12.51
N THR B 190 17.91 -18.15 11.34
CA THR B 190 17.66 -19.01 10.19
C THR B 190 18.40 -20.34 10.34
N ILE B 191 19.57 -20.31 10.95
CA ILE B 191 20.34 -21.54 11.15
C ILE B 191 19.64 -22.38 12.19
N LYS B 192 19.21 -21.71 13.27
CA LYS B 192 18.51 -22.38 14.37
C LYS B 192 17.23 -23.04 13.87
N PHE B 193 16.49 -22.31 13.04
CA PHE B 193 15.25 -22.82 12.48
C PHE B 193 15.45 -24.15 11.71
N LEU B 194 16.39 -24.14 10.78
CA LEU B 194 16.66 -25.33 9.95
C LEU B 194 17.26 -26.48 10.74
N GLU B 195 18.22 -26.16 11.61
CA GLU B 195 18.87 -27.19 12.41
C GLU B 195 17.93 -27.80 13.43
N ASP B 196 17.16 -26.97 14.14
CA ASP B 196 16.23 -27.49 15.13
C ASP B 196 15.13 -28.28 14.46
N TYR B 197 14.66 -27.80 13.30
CA TYR B 197 13.60 -28.48 12.56
C TYR B 197 14.05 -29.86 12.10
N PHE B 198 15.26 -29.93 11.55
CA PHE B 198 15.80 -31.19 11.06
C PHE B 198 16.03 -32.15 12.22
N LYS B 199 16.49 -31.63 13.36
CA LYS B 199 16.73 -32.49 14.51
C LYS B 199 15.45 -33.14 14.99
N LYS B 200 14.33 -32.42 14.91
CA LYS B 200 13.07 -32.97 15.36
C LYS B 200 12.38 -33.89 14.36
N HIS B 201 12.19 -33.40 13.13
CA HIS B 201 11.50 -34.16 12.09
C HIS B 201 12.35 -35.07 11.23
N LYS B 202 13.67 -35.01 11.38
CA LYS B 202 14.56 -35.84 10.60
C LYS B 202 14.43 -35.53 9.11
N LYS B 203 13.93 -34.33 8.79
CA LYS B 203 13.82 -33.90 7.41
C LYS B 203 13.78 -32.36 7.38
N LEU B 204 14.18 -31.79 6.25
CA LEU B 204 14.17 -30.34 6.12
C LEU B 204 12.74 -29.87 6.01
N PRO B 205 12.45 -28.63 6.45
CA PRO B 205 11.08 -28.16 6.33
C PRO B 205 10.76 -27.93 4.84
N ASP B 206 9.47 -27.91 4.50
CA ASP B 206 9.00 -27.74 3.12
C ASP B 206 9.50 -26.49 2.41
N ILE B 207 9.82 -25.45 3.17
CA ILE B 207 10.28 -24.20 2.54
C ILE B 207 11.77 -24.13 2.33
N ALA B 208 12.51 -25.18 2.74
CA ALA B 208 13.96 -25.15 2.56
C ALA B 208 14.32 -25.54 1.14
N ARG B 209 15.35 -24.89 0.59
CA ARG B 209 15.82 -25.19 -0.77
C ARG B 209 16.96 -26.19 -0.60
N THR B 210 16.71 -27.39 -1.05
CA THR B 210 17.65 -28.48 -0.92
C THR B 210 19.00 -28.29 -1.59
N HIS B 211 19.07 -27.49 -2.64
CA HIS B 211 20.34 -27.28 -3.31
C HIS B 211 21.22 -26.15 -2.76
N TRP B 212 20.74 -25.37 -1.79
CA TRP B 212 21.59 -24.31 -1.25
C TRP B 212 22.56 -24.98 -0.28
N LYS B 213 23.79 -24.46 -0.22
CA LYS B 213 24.84 -25.05 0.62
C LYS B 213 24.40 -25.35 2.05
N THR B 214 23.81 -24.36 2.71
CA THR B 214 23.37 -24.56 4.09
C THR B 214 22.53 -25.83 4.25
N CYS B 215 21.54 -25.98 3.36
CA CYS B 215 20.64 -27.13 3.42
C CYS B 215 21.30 -28.42 2.95
N LYS B 216 22.10 -28.36 1.90
CA LYS B 216 22.76 -29.57 1.42
C LYS B 216 23.68 -30.08 2.52
N ARG B 217 24.45 -29.16 3.10
CA ARG B 217 25.38 -29.51 4.17
C ARG B 217 24.66 -30.21 5.34
N ILE B 218 23.46 -29.72 5.70
CA ILE B 218 22.72 -30.34 6.80
C ILE B 218 22.39 -31.79 6.41
N LEU B 219 21.97 -31.98 5.17
CA LEU B 219 21.64 -33.32 4.68
C LEU B 219 22.90 -34.21 4.61
N ASP B 220 24.01 -33.65 4.12
CA ASP B 220 25.25 -34.42 4.05
C ASP B 220 25.64 -34.90 5.44
N LYS B 221 25.54 -34.03 6.43
CA LYS B 221 25.90 -34.40 7.80
C LYS B 221 25.01 -35.49 8.38
N SER B 222 23.72 -35.41 8.13
CA SER B 222 22.79 -36.41 8.65
C SER B 222 23.15 -37.80 8.13
N LYS B 223 23.84 -37.84 7.01
CA LYS B 223 24.23 -39.12 6.42
C LYS B 223 25.60 -39.65 6.85
N GLN B 224 26.31 -38.91 7.68
CA GLN B 224 27.62 -39.33 8.15
C GLN B 224 27.51 -40.26 9.36
N THR B 225 28.56 -41.05 9.59
CA THR B 225 28.65 -42.01 10.68
C THR B 225 28.00 -43.33 10.27
#